data_1SZB
#
_entry.id   1SZB
#
_cell.length_a   67.754
_cell.length_b   67.754
_cell.length_c   187.923
_cell.angle_alpha   90.00
_cell.angle_beta   90.00
_cell.angle_gamma   90.00
#
_symmetry.space_group_name_H-M   'P 43 21 2'
#
loop_
_entity.id
_entity.type
_entity.pdbx_description
1 polymer 'mannose binding lectin-associated serine protease-2 related protein, MAp19 (19kDa)'
2 non-polymer 'CALCIUM ION'
3 water water
#
_entity_poly.entity_id   1
_entity_poly.type   'polypeptide(L)'
_entity_poly.pdbx_seq_one_letter_code
;TPLGPKWPEPVFGRLASPGFPGEYANDQERRWTLTAPPGYRLRLYFTHFDLELSHLCEYDFVKLSSGAKVLATLCGQEST
DTERAPGKDTFYSLGSSLDITFRSDYSNEKPFTGFEAFYAAEDIDECQVAPGEAPTCDHHCHNHLGGFYCSCRAGYVLHR
NKRTCSEQSL
;
_entity_poly.pdbx_strand_id   A,B
#
# COMPACT_ATOMS: atom_id res chain seq x y z
N PRO A 2 21.60 -17.65 3.05
CA PRO A 2 20.75 -17.06 2.00
C PRO A 2 20.82 -15.53 1.99
N LEU A 3 20.89 -14.94 0.80
CA LEU A 3 20.94 -13.49 0.66
C LEU A 3 19.56 -12.92 0.98
N GLY A 4 19.48 -12.21 2.10
CA GLY A 4 18.24 -11.61 2.56
C GLY A 4 17.41 -10.89 1.51
N PRO A 5 16.07 -11.00 1.61
CA PRO A 5 15.09 -10.39 0.71
C PRO A 5 15.19 -8.87 0.66
N LYS A 6 15.24 -8.32 -0.55
CA LYS A 6 15.33 -6.86 -0.72
C LYS A 6 13.99 -6.20 -0.44
N TRP A 7 13.93 -5.37 0.60
CA TRP A 7 12.70 -4.67 0.97
C TRP A 7 12.61 -3.26 0.38
N PRO A 8 11.46 -2.58 0.54
CA PRO A 8 11.28 -1.21 0.00
C PRO A 8 12.10 -0.10 0.62
N GLU A 9 12.72 0.71 -0.25
CA GLU A 9 13.48 1.88 0.20
C GLU A 9 12.41 2.89 0.55
N PRO A 10 12.55 3.60 1.67
CA PRO A 10 11.49 4.58 1.97
C PRO A 10 11.60 5.88 1.17
N VAL A 11 11.36 5.83 -0.14
CA VAL A 11 11.45 7.04 -0.95
C VAL A 11 10.29 8.01 -0.69
N PHE A 12 10.60 9.14 -0.06
CA PHE A 12 9.60 10.18 0.22
C PHE A 12 10.32 11.50 0.44
N GLY A 13 9.60 12.61 0.30
CA GLY A 13 10.25 13.90 0.47
C GLY A 13 9.35 15.09 0.55
N ARG A 14 9.97 16.27 0.52
CA ARG A 14 9.27 17.54 0.62
C ARG A 14 9.78 18.57 -0.37
N LEU A 15 8.86 19.35 -0.94
CA LEU A 15 9.21 20.39 -1.90
C LEU A 15 8.58 21.68 -1.43
N ALA A 16 9.27 22.79 -1.62
CA ALA A 16 8.72 24.07 -1.21
C ALA A 16 9.26 25.19 -2.08
N SER A 17 8.43 26.20 -2.33
CA SER A 17 8.84 27.35 -3.12
C SER A 17 9.98 28.07 -2.40
N PRO A 18 10.85 28.73 -3.14
CA PRO A 18 11.98 29.44 -2.51
C PRO A 18 11.54 30.41 -1.43
N GLY A 19 12.21 30.37 -0.29
CA GLY A 19 11.87 31.28 0.79
C GLY A 19 10.57 31.00 1.51
N PHE A 20 9.98 29.82 1.27
CA PHE A 20 8.73 29.45 1.93
C PHE A 20 9.02 29.45 3.44
N PRO A 21 8.05 29.89 4.25
CA PRO A 21 6.71 30.40 3.94
C PRO A 21 6.62 31.89 3.64
N GLY A 22 7.77 32.51 3.38
CA GLY A 22 7.77 33.93 3.09
C GLY A 22 7.36 34.21 1.65
N GLU A 23 7.28 35.48 1.29
CA GLU A 23 6.92 35.89 -0.08
C GLU A 23 7.91 35.24 -1.01
N TYR A 24 7.51 34.95 -2.24
CA TYR A 24 8.47 34.36 -3.15
C TYR A 24 8.89 35.39 -4.17
N ALA A 25 10.20 35.52 -4.36
CA ALA A 25 10.76 36.49 -5.29
C ALA A 25 10.12 36.36 -6.66
N ASN A 26 10.29 37.39 -7.48
CA ASN A 26 9.76 37.38 -8.83
C ASN A 26 10.79 36.74 -9.76
N ASP A 27 10.32 36.35 -10.94
CA ASP A 27 11.15 35.74 -11.97
C ASP A 27 11.94 34.52 -11.49
N GLN A 28 11.37 33.77 -10.56
CA GLN A 28 12.01 32.57 -10.07
C GLN A 28 11.65 31.43 -11.03
N GLU A 29 12.51 30.41 -11.08
CA GLU A 29 12.29 29.21 -11.90
C GLU A 29 12.94 28.06 -11.12
N ARG A 30 12.18 27.01 -10.86
CA ARG A 30 12.74 25.87 -10.13
C ARG A 30 12.18 24.59 -10.71
N ARG A 31 12.98 23.52 -10.67
CA ARG A 31 12.59 22.23 -11.20
C ARG A 31 13.04 21.12 -10.28
N TRP A 32 12.19 20.11 -10.12
CA TRP A 32 12.48 18.98 -9.26
C TRP A 32 12.13 17.73 -10.05
N THR A 33 12.96 16.71 -9.91
CA THR A 33 12.70 15.43 -10.56
C THR A 33 12.70 14.39 -9.48
N LEU A 34 11.57 13.69 -9.36
CA LEU A 34 11.42 12.65 -8.34
C LEU A 34 11.17 11.33 -9.03
N THR A 35 11.74 10.26 -8.49
CA THR A 35 11.55 8.93 -9.04
C THR A 35 11.40 7.92 -7.93
N ALA A 36 10.65 6.88 -8.19
CA ALA A 36 10.45 5.80 -7.23
C ALA A 36 11.02 4.56 -7.88
N PRO A 37 11.42 3.56 -7.08
CA PRO A 37 11.96 2.31 -7.64
C PRO A 37 10.90 1.68 -8.56
N PRO A 38 11.32 0.91 -9.58
CA PRO A 38 10.33 0.30 -10.48
C PRO A 38 9.35 -0.51 -9.66
N GLY A 39 8.08 -0.48 -10.05
CA GLY A 39 7.08 -1.21 -9.30
C GLY A 39 6.47 -0.33 -8.23
N TYR A 40 6.89 0.94 -8.20
CA TYR A 40 6.37 1.92 -7.24
C TYR A 40 6.04 3.23 -7.93
N ARG A 41 4.89 3.80 -7.62
CA ARG A 41 4.46 5.06 -8.19
C ARG A 41 4.72 6.16 -7.14
N LEU A 42 4.61 7.42 -7.53
CA LEU A 42 4.79 8.50 -6.56
C LEU A 42 3.45 9.19 -6.29
N ARG A 43 3.20 9.47 -5.02
CA ARG A 43 1.98 10.15 -4.56
C ARG A 43 2.46 11.50 -4.02
N LEU A 44 1.83 12.57 -4.48
CA LEU A 44 2.21 13.90 -4.04
C LEU A 44 0.96 14.74 -3.75
N TYR A 45 1.08 15.60 -2.74
CA TYR A 45 -0.02 16.47 -2.34
C TYR A 45 0.54 17.73 -1.69
N PHE A 46 -0.25 18.79 -1.69
CA PHE A 46 0.15 20.06 -1.11
C PHE A 46 -0.45 20.35 0.25
N THR A 47 0.37 20.85 1.17
CA THR A 47 -0.09 21.22 2.50
C THR A 47 -0.35 22.72 2.51
N HIS A 48 0.26 23.43 1.57
CA HIS A 48 0.13 24.87 1.48
C HIS A 48 0.20 25.33 0.03
N PHE A 49 -0.75 26.14 -0.41
CA PHE A 49 -0.74 26.64 -1.78
C PHE A 49 -1.31 28.04 -1.89
N ASP A 50 -0.43 29.00 -2.15
CA ASP A 50 -0.79 30.41 -2.21
C ASP A 50 -0.01 31.14 -3.31
N LEU A 51 -0.55 31.15 -4.52
CA LEU A 51 0.12 31.79 -5.65
C LEU A 51 -0.75 32.81 -6.38
N GLU A 52 -0.09 33.70 -7.11
CA GLU A 52 -0.77 34.73 -7.89
C GLU A 52 -1.78 34.05 -8.81
N LEU A 53 -3.05 34.43 -8.66
CA LEU A 53 -4.12 33.85 -9.46
C LEU A 53 -4.08 34.31 -10.92
N SER A 54 -4.21 33.35 -11.82
CA SER A 54 -4.18 33.61 -13.26
C SER A 54 -5.17 32.70 -13.98
N HIS A 55 -5.96 33.27 -14.88
CA HIS A 55 -6.98 32.51 -15.63
C HIS A 55 -6.57 31.14 -16.17
N LEU A 56 -5.31 31.00 -16.58
CA LEU A 56 -4.79 29.71 -17.06
C LEU A 56 -3.37 29.51 -16.53
N CYS A 57 -3.12 30.10 -15.37
CA CYS A 57 -1.83 30.00 -14.70
C CYS A 57 -0.66 30.34 -15.62
N GLU A 58 -0.85 31.36 -16.47
CA GLU A 58 0.20 31.79 -17.38
C GLU A 58 1.23 32.65 -16.66
N TYR A 59 0.84 33.19 -15.50
CA TYR A 59 1.72 34.04 -14.71
C TYR A 59 2.56 33.17 -13.79
N ASP A 60 2.13 33.01 -12.55
CA ASP A 60 2.86 32.15 -11.61
C ASP A 60 2.19 30.77 -11.66
N PHE A 61 2.93 29.72 -11.35
CA PHE A 61 2.31 28.41 -11.38
C PHE A 61 3.18 27.28 -10.86
N VAL A 62 2.55 26.14 -10.68
CA VAL A 62 3.22 24.92 -10.26
C VAL A 62 2.66 23.88 -11.22
N LYS A 63 3.54 23.34 -12.05
CA LYS A 63 3.14 22.34 -13.02
C LYS A 63 3.65 20.97 -12.57
N LEU A 64 2.81 19.96 -12.72
CA LEU A 64 3.17 18.60 -12.34
C LEU A 64 3.16 17.80 -13.62
N SER A 65 4.19 16.98 -13.80
CA SER A 65 4.30 16.17 -15.00
C SER A 65 4.87 14.78 -14.75
N SER A 66 4.30 13.79 -15.42
CA SER A 66 4.79 12.42 -15.35
C SER A 66 5.03 12.14 -16.84
N GLY A 67 6.31 12.08 -17.21
CA GLY A 67 6.62 11.85 -18.61
C GLY A 67 6.05 12.98 -19.46
N ALA A 68 5.41 12.62 -20.56
CA ALA A 68 4.82 13.62 -21.44
C ALA A 68 3.61 14.30 -20.81
N LYS A 69 2.62 13.53 -20.40
CA LYS A 69 1.40 14.09 -19.81
C LYS A 69 1.64 15.12 -18.71
N VAL A 70 0.83 16.17 -18.74
CA VAL A 70 0.90 17.24 -17.75
C VAL A 70 -0.26 16.98 -16.82
N LEU A 71 0.06 16.69 -15.57
CA LEU A 71 -0.95 16.39 -14.58
C LEU A 71 -1.86 17.57 -14.25
N ALA A 72 -1.30 18.77 -14.27
CA ALA A 72 -2.09 19.95 -13.98
C ALA A 72 -1.19 21.15 -13.81
N THR A 73 -1.76 22.33 -14.07
CA THR A 73 -1.02 23.56 -13.92
C THR A 73 -1.73 24.31 -12.82
N LEU A 74 -1.09 24.34 -11.66
CA LEU A 74 -1.68 24.97 -10.50
C LEU A 74 -1.27 26.41 -10.23
N CYS A 75 -2.24 27.18 -9.73
CA CYS A 75 -2.03 28.57 -9.35
C CYS A 75 -3.22 29.05 -8.56
N GLY A 76 -3.12 30.26 -8.02
CA GLY A 76 -4.22 30.79 -7.23
C GLY A 76 -4.03 30.45 -5.78
N GLN A 77 -4.86 31.07 -4.95
CA GLN A 77 -4.77 30.89 -3.52
C GLN A 77 -5.76 29.86 -3.03
N GLU A 78 -5.35 29.09 -2.02
CA GLU A 78 -6.22 28.07 -1.44
C GLU A 78 -7.31 28.75 -0.62
N SER A 79 -7.06 30.02 -0.30
CA SER A 79 -8.00 30.82 0.49
C SER A 79 -9.23 31.21 -0.33
N THR A 80 -9.02 31.55 -1.60
CA THR A 80 -10.12 31.95 -2.48
C THR A 80 -10.76 30.73 -3.11
N ASP A 81 -10.10 29.59 -2.97
CA ASP A 81 -10.58 28.32 -3.52
C ASP A 81 -11.02 28.44 -4.98
N THR A 82 -10.14 28.97 -5.84
CA THR A 82 -10.48 29.09 -7.26
C THR A 82 -10.46 27.69 -7.85
N GLU A 83 -10.26 27.58 -9.17
CA GLU A 83 -10.23 26.27 -9.82
C GLU A 83 -8.81 25.81 -10.15
N ARG A 84 -7.87 26.75 -10.23
CA ARG A 84 -6.49 26.43 -10.54
C ARG A 84 -5.72 25.82 -9.37
N ALA A 85 -6.16 26.10 -8.15
CA ALA A 85 -5.50 25.57 -6.96
C ALA A 85 -5.61 24.05 -6.84
N PRO A 86 -4.62 23.40 -6.21
CA PRO A 86 -4.59 21.95 -6.03
C PRO A 86 -5.63 21.46 -5.04
N GLY A 87 -5.84 22.24 -3.98
CA GLY A 87 -6.78 21.81 -2.98
C GLY A 87 -6.14 20.63 -2.29
N LYS A 88 -6.94 19.62 -1.95
CA LYS A 88 -6.41 18.43 -1.29
C LYS A 88 -6.22 17.26 -2.25
N ASP A 89 -6.36 17.52 -3.55
CA ASP A 89 -6.19 16.47 -4.53
C ASP A 89 -4.86 15.79 -4.35
N THR A 90 -4.81 14.52 -4.73
CA THR A 90 -3.58 13.76 -4.66
C THR A 90 -3.18 13.55 -6.10
N PHE A 91 -1.89 13.55 -6.38
CA PHE A 91 -1.39 13.35 -7.72
C PHE A 91 -0.48 12.13 -7.75
N TYR A 92 -0.56 11.39 -8.85
CA TYR A 92 0.26 10.19 -9.01
C TYR A 92 1.00 10.15 -10.32
N SER A 93 2.19 9.58 -10.29
CA SER A 93 3.02 9.47 -11.47
C SER A 93 2.54 8.29 -12.30
N LEU A 94 2.37 8.48 -13.61
CA LEU A 94 1.90 7.38 -14.47
C LEU A 94 2.96 6.30 -14.64
N GLY A 95 4.20 6.73 -14.57
CA GLY A 95 5.32 5.81 -14.64
C GLY A 95 5.74 5.87 -13.18
N SER A 96 7.03 5.86 -12.91
CA SER A 96 7.48 5.95 -11.54
C SER A 96 8.19 7.28 -11.38
N SER A 97 7.96 8.17 -12.34
CA SER A 97 8.62 9.46 -12.33
C SER A 97 7.69 10.66 -12.22
N LEU A 98 8.20 11.70 -11.58
CA LEU A 98 7.44 12.93 -11.38
C LEU A 98 8.30 14.17 -11.53
N ASP A 99 7.87 15.08 -12.40
CA ASP A 99 8.61 16.33 -12.64
C ASP A 99 7.79 17.54 -12.20
N ILE A 100 8.36 18.33 -11.29
CA ILE A 100 7.67 19.51 -10.78
C ILE A 100 8.40 20.80 -11.12
N THR A 101 7.64 21.81 -11.51
CA THR A 101 8.23 23.11 -11.84
C THR A 101 7.47 24.26 -11.21
N PHE A 102 8.21 25.16 -10.55
CA PHE A 102 7.61 26.34 -9.95
C PHE A 102 8.03 27.49 -10.84
N ARG A 103 7.10 28.37 -11.16
CA ARG A 103 7.41 29.50 -12.04
C ARG A 103 6.91 30.83 -11.51
N SER A 104 7.84 31.72 -11.19
CA SER A 104 7.51 33.04 -10.69
C SER A 104 7.79 34.03 -11.82
N ASP A 105 6.82 34.90 -12.13
CA ASP A 105 7.06 35.89 -13.18
C ASP A 105 7.66 37.19 -12.62
N TYR A 106 7.65 38.24 -13.43
CA TYR A 106 8.26 39.52 -13.04
C TYR A 106 7.69 40.32 -11.86
N SER A 107 6.41 40.15 -11.53
CA SER A 107 5.87 40.92 -10.42
C SER A 107 4.67 40.30 -9.72
N ASN A 108 4.49 40.65 -8.45
CA ASN A 108 3.38 40.14 -7.68
C ASN A 108 2.38 41.16 -7.18
N GLU A 109 1.12 40.88 -7.51
CA GLU A 109 -0.03 41.68 -7.12
C GLU A 109 0.00 41.87 -5.59
N LYS A 110 0.30 40.81 -4.87
CA LYS A 110 0.38 40.82 -3.41
C LYS A 110 1.53 39.90 -2.94
N PRO A 111 1.77 39.83 -1.61
CA PRO A 111 2.84 38.98 -1.11
C PRO A 111 2.41 37.52 -0.99
N PHE A 112 2.53 36.78 -2.09
CA PHE A 112 2.15 35.37 -2.10
C PHE A 112 3.19 34.50 -1.39
N THR A 113 2.70 33.62 -0.52
CA THR A 113 3.56 32.76 0.28
C THR A 113 4.09 31.47 -0.37
N GLY A 114 3.72 31.23 -1.62
CA GLY A 114 4.21 30.05 -2.30
C GLY A 114 3.49 28.75 -2.00
N PHE A 115 4.25 27.66 -1.91
CA PHE A 115 3.65 26.36 -1.67
C PHE A 115 4.60 25.40 -0.95
N GLU A 116 4.02 24.35 -0.41
CA GLU A 116 4.75 23.30 0.27
C GLU A 116 4.08 22.01 -0.20
N ALA A 117 4.90 21.01 -0.56
CA ALA A 117 4.36 19.75 -1.01
C ALA A 117 5.11 18.61 -0.36
N PHE A 118 4.48 17.44 -0.39
CA PHE A 118 5.08 16.23 0.16
C PHE A 118 4.81 15.11 -0.81
N TYR A 119 5.72 14.15 -0.87
CA TYR A 119 5.55 13.02 -1.77
C TYR A 119 6.07 11.78 -1.09
N ALA A 120 5.62 10.65 -1.58
CA ALA A 120 6.04 9.38 -1.03
C ALA A 120 5.81 8.31 -2.07
N ALA A 121 6.74 7.36 -2.11
CA ALA A 121 6.64 6.24 -3.04
C ALA A 121 5.65 5.27 -2.40
N GLU A 122 4.85 4.62 -3.22
CA GLU A 122 3.91 3.63 -2.73
C GLU A 122 3.88 2.53 -3.76
N ASP A 123 3.49 1.34 -3.30
CA ASP A 123 3.38 0.15 -4.14
C ASP A 123 2.24 0.30 -5.12
N ILE A 124 2.52 -0.08 -6.36
CA ILE A 124 1.53 -0.07 -7.43
C ILE A 124 0.85 -1.42 -7.31
N ASP A 125 -0.47 -1.46 -7.34
CA ASP A 125 -1.13 -2.76 -7.28
C ASP A 125 -1.45 -3.11 -8.72
N GLU A 126 -0.52 -3.76 -9.39
CA GLU A 126 -0.76 -4.09 -10.77
C GLU A 126 -1.82 -5.17 -11.03
N CYS A 127 -2.57 -5.52 -9.99
CA CYS A 127 -3.66 -6.50 -10.11
C CYS A 127 -4.92 -5.69 -10.35
N GLN A 128 -4.80 -4.40 -10.08
CA GLN A 128 -5.89 -3.46 -10.24
C GLN A 128 -6.06 -3.08 -11.69
N VAL A 129 -7.28 -3.26 -12.16
CA VAL A 129 -7.65 -2.99 -13.52
C VAL A 129 -9.00 -2.27 -13.54
N ALA A 130 -9.24 -1.42 -14.53
CA ALA A 130 -10.50 -0.68 -14.63
C ALA A 130 -11.70 -1.54 -15.10
N PRO A 131 -12.91 -1.11 -14.74
CA PRO A 131 -14.11 -1.87 -15.14
C PRO A 131 -14.15 -2.15 -16.63
N GLY A 132 -14.26 -3.41 -17.00
CA GLY A 132 -14.35 -3.76 -18.41
C GLY A 132 -13.03 -4.01 -19.11
N GLU A 133 -11.95 -3.97 -18.35
CA GLU A 133 -10.66 -4.21 -18.94
C GLU A 133 -10.20 -5.61 -18.58
N ALA A 134 -9.38 -6.19 -19.44
CA ALA A 134 -8.87 -7.53 -19.22
C ALA A 134 -8.13 -7.61 -17.89
N PRO A 135 -8.44 -8.64 -17.10
CA PRO A 135 -7.87 -8.95 -15.78
C PRO A 135 -6.37 -9.17 -15.94
N THR A 136 -5.56 -8.66 -15.00
CA THR A 136 -4.13 -8.82 -15.15
C THR A 136 -3.66 -10.28 -15.17
N CYS A 137 -4.44 -11.20 -14.61
CA CYS A 137 -4.07 -12.63 -14.63
C CYS A 137 -5.19 -13.50 -15.17
N ASP A 138 -4.83 -14.64 -15.75
CA ASP A 138 -5.82 -15.56 -16.29
C ASP A 138 -6.64 -16.18 -15.15
N HIS A 139 -5.94 -16.71 -14.14
CA HIS A 139 -6.57 -17.32 -12.98
C HIS A 139 -6.48 -16.46 -11.72
N HIS A 140 -5.35 -16.50 -11.02
CA HIS A 140 -5.24 -15.67 -9.81
C HIS A 140 -4.16 -14.61 -9.89
N CYS A 141 -4.48 -13.43 -9.37
CA CYS A 141 -3.53 -12.32 -9.35
C CYS A 141 -3.01 -12.06 -7.94
N HIS A 142 -1.69 -11.98 -7.84
CA HIS A 142 -1.04 -11.75 -6.56
C HIS A 142 -0.19 -10.50 -6.58
N ASN A 143 -0.62 -9.51 -5.81
CA ASN A 143 0.14 -8.27 -5.69
C ASN A 143 0.96 -8.27 -4.41
N HIS A 144 2.18 -7.79 -4.52
CA HIS A 144 3.07 -7.66 -3.38
C HIS A 144 3.87 -6.38 -3.62
N LEU A 145 4.71 -6.01 -2.66
CA LEU A 145 5.53 -4.81 -2.75
C LEU A 145 6.55 -4.93 -3.85
N GLY A 146 6.51 -4.01 -4.82
CA GLY A 146 7.48 -4.01 -5.89
C GLY A 146 7.18 -4.83 -7.14
N GLY A 147 6.11 -5.62 -7.08
CA GLY A 147 5.75 -6.41 -8.23
C GLY A 147 4.44 -7.14 -8.09
N PHE A 148 4.29 -8.19 -8.87
CA PHE A 148 3.09 -9.01 -8.86
C PHE A 148 3.38 -10.25 -9.68
N TYR A 149 2.50 -11.25 -9.58
CA TYR A 149 2.66 -12.47 -10.37
C TYR A 149 1.33 -13.20 -10.42
N CYS A 150 1.21 -14.15 -11.33
CA CYS A 150 -0.03 -14.91 -11.47
C CYS A 150 0.13 -16.35 -10.97
N SER A 151 -0.99 -16.99 -10.66
CA SER A 151 -0.96 -18.39 -10.24
C SER A 151 -2.20 -19.07 -10.83
N CYS A 152 -2.22 -20.39 -10.81
CA CYS A 152 -3.34 -21.12 -11.38
C CYS A 152 -4.13 -21.95 -10.39
N ARG A 153 -5.39 -22.23 -10.73
CA ARG A 153 -6.24 -23.04 -9.90
C ARG A 153 -5.64 -24.45 -9.88
N ALA A 154 -6.12 -25.30 -8.98
CA ALA A 154 -5.62 -26.67 -8.86
C ALA A 154 -5.97 -27.43 -10.13
N GLY A 155 -5.02 -28.24 -10.59
CA GLY A 155 -5.26 -29.01 -11.80
C GLY A 155 -4.71 -28.32 -13.04
N TYR A 156 -4.25 -27.08 -12.86
CA TYR A 156 -3.68 -26.30 -13.95
C TYR A 156 -2.23 -25.92 -13.67
N VAL A 157 -1.55 -25.37 -14.65
CA VAL A 157 -0.15 -24.98 -14.50
C VAL A 157 0.20 -23.75 -15.33
N LEU A 158 1.02 -22.89 -14.75
CA LEU A 158 1.42 -21.66 -15.40
C LEU A 158 2.21 -21.83 -16.69
N HIS A 159 1.75 -21.15 -17.73
CA HIS A 159 2.36 -21.18 -19.06
C HIS A 159 3.66 -20.37 -19.04
N ARG A 160 4.51 -20.59 -20.06
CA ARG A 160 5.76 -19.86 -20.15
C ARG A 160 5.54 -18.35 -20.15
N ASN A 161 4.38 -17.90 -20.63
CA ASN A 161 4.10 -16.46 -20.68
C ASN A 161 3.84 -15.84 -19.31
N LYS A 162 3.89 -16.66 -18.27
CA LYS A 162 3.69 -16.19 -16.90
C LYS A 162 2.29 -15.71 -16.50
N ARG A 163 1.29 -15.94 -17.37
CA ARG A 163 -0.09 -15.57 -17.08
C ARG A 163 -1.10 -16.69 -17.42
N THR A 164 -0.98 -17.22 -18.63
CA THR A 164 -1.88 -18.26 -19.10
C THR A 164 -1.85 -19.53 -18.24
N CYS A 165 -3.03 -20.01 -17.86
CA CYS A 165 -3.15 -21.26 -17.09
C CYS A 165 -3.62 -22.44 -17.96
N SER A 166 -2.82 -23.51 -18.02
CA SER A 166 -3.22 -24.66 -18.82
C SER A 166 -3.42 -25.94 -18.02
N GLU A 167 -4.64 -26.62 -18.41
CA GLU A 167 -5.05 -27.89 -17.79
C GLU A 167 -3.95 -28.95 -17.80
N GLN A 168 -3.90 -29.74 -16.73
CA GLN A 168 -2.88 -30.77 -16.62
C GLN A 168 -3.34 -32.01 -15.82
N LEU B 3 17.63 2.67 0.17
CA LEU B 3 17.57 2.09 1.54
C LEU B 3 16.89 0.71 1.49
N GLY B 4 16.07 0.41 2.48
CA GLY B 4 15.38 -0.87 2.53
C GLY B 4 15.75 -1.65 3.77
N PRO B 5 14.85 -1.73 4.76
CA PRO B 5 15.07 -2.45 6.02
C PRO B 5 15.49 -3.92 5.86
N LYS B 6 16.72 -4.24 6.26
CA LYS B 6 17.23 -5.61 6.16
C LYS B 6 16.29 -6.51 6.97
N TRP B 7 15.88 -7.62 6.36
CA TRP B 7 14.97 -8.55 7.00
C TRP B 7 15.14 -9.94 6.42
N PRO B 8 15.02 -10.97 7.26
CA PRO B 8 15.17 -12.38 6.85
C PRO B 8 14.03 -12.91 6.00
N GLU B 9 12.80 -12.72 6.45
CA GLU B 9 11.63 -13.18 5.72
C GLU B 9 11.37 -12.40 4.44
N PRO B 10 10.82 -13.06 3.42
CA PRO B 10 10.51 -12.42 2.14
C PRO B 10 9.26 -11.55 2.28
N VAL B 11 9.10 -10.60 1.36
CA VAL B 11 7.97 -9.69 1.38
C VAL B 11 6.66 -10.42 1.03
N PHE B 12 6.78 -11.57 0.39
CA PHE B 12 5.60 -12.35 0.03
C PHE B 12 5.93 -13.83 0.03
N GLY B 13 4.90 -14.66 -0.09
CA GLY B 13 5.14 -16.09 -0.12
C GLY B 13 3.89 -16.91 -0.35
N ARG B 14 4.08 -18.23 -0.32
CA ARG B 14 3.02 -19.19 -0.55
C ARG B 14 3.04 -20.33 0.48
N LEU B 15 1.86 -20.74 0.94
CA LEU B 15 1.72 -21.83 1.90
C LEU B 15 0.75 -22.86 1.33
N ALA B 16 1.01 -24.12 1.59
CA ALA B 16 0.13 -25.16 1.09
C ALA B 16 0.17 -26.39 1.97
N SER B 17 -0.98 -27.04 2.10
CA SER B 17 -1.08 -28.26 2.91
C SER B 17 -0.14 -29.31 2.28
N PRO B 18 0.37 -30.22 3.12
CA PRO B 18 1.28 -31.27 2.61
C PRO B 18 0.65 -32.06 1.46
N GLY B 19 1.44 -32.28 0.41
CA GLY B 19 0.96 -33.03 -0.73
C GLY B 19 -0.09 -32.35 -1.59
N PHE B 20 -0.29 -31.05 -1.39
CA PHE B 20 -1.27 -30.30 -2.17
C PHE B 20 -0.82 -30.42 -3.62
N PRO B 21 -1.77 -30.52 -4.58
CA PRO B 21 -3.23 -30.53 -4.45
C PRO B 21 -3.84 -31.91 -4.20
N GLY B 22 -3.00 -32.87 -3.79
CA GLY B 22 -3.50 -34.20 -3.52
C GLY B 22 -4.07 -34.30 -2.11
N GLU B 23 -4.39 -35.52 -1.68
CA GLU B 23 -4.94 -35.71 -0.35
C GLU B 23 -3.83 -35.51 0.67
N TYR B 24 -4.13 -34.73 1.70
CA TYR B 24 -3.15 -34.45 2.75
C TYR B 24 -3.09 -35.58 3.75
N ALA B 25 -1.87 -36.01 4.07
CA ALA B 25 -1.65 -37.10 5.00
C ALA B 25 -2.42 -36.92 6.30
N ASN B 26 -2.56 -38.00 7.06
CA ASN B 26 -3.27 -37.94 8.34
C ASN B 26 -2.27 -37.61 9.44
N ASP B 27 -2.77 -37.32 10.64
CA ASP B 27 -1.97 -36.97 11.82
C ASP B 27 -0.79 -36.04 11.54
N GLN B 28 -1.02 -34.99 10.75
CA GLN B 28 0.01 -34.02 10.41
C GLN B 28 -0.27 -32.67 11.08
N GLU B 29 0.79 -32.06 11.61
CA GLU B 29 0.67 -30.75 12.24
C GLU B 29 1.86 -29.87 11.86
N ARG B 30 1.59 -28.83 11.07
CA ARG B 30 2.62 -27.91 10.62
C ARG B 30 2.27 -26.46 10.92
N ARG B 31 3.27 -25.69 11.35
CA ARG B 31 3.07 -24.28 11.68
C ARG B 31 4.05 -23.40 10.91
N TRP B 32 3.57 -22.24 10.47
CA TRP B 32 4.39 -21.29 9.74
C TRP B 32 4.45 -19.98 10.53
N THR B 33 5.59 -19.32 10.47
CA THR B 33 5.78 -18.06 11.18
C THR B 33 6.06 -16.96 10.15
N LEU B 34 5.12 -16.04 10.02
CA LEU B 34 5.27 -14.93 9.08
C LEU B 34 5.44 -13.62 9.83
N THR B 35 6.55 -12.95 9.56
CA THR B 35 6.84 -11.67 10.19
C THR B 35 7.60 -10.77 9.22
N ALA B 36 7.19 -9.51 9.16
CA ALA B 36 7.83 -8.52 8.28
C ALA B 36 8.44 -7.41 9.13
N PRO B 37 9.18 -6.48 8.51
CA PRO B 37 9.81 -5.35 9.21
C PRO B 37 8.82 -4.46 9.93
N PRO B 38 9.31 -3.61 10.86
CA PRO B 38 8.44 -2.70 11.61
C PRO B 38 7.64 -1.83 10.65
N GLY B 39 6.38 -1.56 11.00
CA GLY B 39 5.53 -0.73 10.15
C GLY B 39 4.64 -1.57 9.24
N TYR B 40 5.25 -2.27 8.29
CA TYR B 40 4.52 -3.14 7.38
C TYR B 40 3.63 -4.12 8.13
N ARG B 41 2.67 -4.71 7.42
CA ARG B 41 1.80 -5.73 7.99
C ARG B 41 1.58 -6.78 6.92
N LEU B 42 0.98 -7.91 7.28
CA LEU B 42 0.80 -8.96 6.30
C LEU B 42 -0.64 -9.18 5.91
N ARG B 43 -0.85 -9.38 4.61
CA ARG B 43 -2.16 -9.68 4.04
C ARG B 43 -2.07 -11.13 3.51
N LEU B 44 -3.05 -11.95 3.85
CA LEU B 44 -3.05 -13.34 3.42
C LEU B 44 -4.44 -13.74 3.00
N TYR B 45 -4.52 -14.61 1.99
CA TYR B 45 -5.79 -15.10 1.47
C TYR B 45 -5.60 -16.49 0.85
N PHE B 46 -6.69 -17.24 0.75
CA PHE B 46 -6.64 -18.59 0.20
C PHE B 46 -7.19 -18.69 -1.22
N THR B 47 -6.47 -19.42 -2.07
CA THR B 47 -6.90 -19.62 -3.44
C THR B 47 -7.60 -20.96 -3.51
N HIS B 48 -7.35 -21.81 -2.53
CA HIS B 48 -7.92 -23.15 -2.49
C HIS B 48 -8.12 -23.60 -1.04
N PHE B 49 -9.32 -24.06 -0.70
CA PHE B 49 -9.59 -24.52 0.66
C PHE B 49 -10.58 -25.71 0.67
N ASP B 50 -10.05 -26.89 0.97
CA ASP B 50 -10.84 -28.12 0.97
C ASP B 50 -10.43 -29.04 2.11
N LEU B 51 -11.03 -28.86 3.29
CA LEU B 51 -10.71 -29.68 4.46
C LEU B 51 -11.92 -30.38 5.07
N GLU B 52 -11.63 -31.41 5.87
CA GLU B 52 -12.65 -32.19 6.55
C GLU B 52 -13.49 -31.29 7.45
N LEU B 53 -14.80 -31.49 7.41
CA LEU B 53 -15.72 -30.71 8.22
C LEU B 53 -15.87 -31.33 9.61
N SER B 54 -16.14 -30.47 10.59
CA SER B 54 -16.34 -30.92 11.97
C SER B 54 -16.85 -29.76 12.82
N HIS B 55 -17.60 -30.09 13.87
CA HIS B 55 -18.15 -29.09 14.77
C HIS B 55 -17.02 -28.34 15.47
N LEU B 56 -16.95 -27.03 15.20
CA LEU B 56 -15.93 -26.16 15.77
C LEU B 56 -14.56 -26.50 15.19
N CYS B 57 -14.55 -27.10 14.01
CA CYS B 57 -13.30 -27.49 13.35
C CYS B 57 -12.42 -28.17 14.39
N GLU B 58 -12.93 -29.27 14.93
CA GLU B 58 -12.23 -30.03 15.97
C GLU B 58 -11.17 -31.01 15.44
N TYR B 59 -11.49 -31.73 14.37
CA TYR B 59 -10.58 -32.72 13.80
C TYR B 59 -9.43 -32.08 13.02
N ASP B 60 -9.74 -31.55 11.83
CA ASP B 60 -8.73 -30.91 11.00
C ASP B 60 -8.98 -29.41 10.99
N PHE B 61 -7.92 -28.63 10.85
CA PHE B 61 -8.11 -27.19 10.85
C PHE B 61 -6.94 -26.38 10.33
N VAL B 62 -7.22 -25.10 10.13
CA VAL B 62 -6.25 -24.12 9.71
C VAL B 62 -6.54 -22.95 10.64
N LYS B 63 -5.63 -22.70 11.57
CA LYS B 63 -5.81 -21.61 12.53
C LYS B 63 -4.88 -20.48 12.14
N LEU B 64 -5.44 -19.27 12.11
CA LEU B 64 -4.69 -18.07 11.76
C LEU B 64 -4.71 -17.19 12.99
N SER B 65 -3.55 -17.03 13.60
CA SER B 65 -3.44 -16.21 14.79
C SER B 65 -2.43 -15.11 14.57
N SER B 66 -2.62 -14.01 15.27
CA SER B 66 -1.70 -12.88 15.19
C SER B 66 -1.41 -12.49 16.64
N GLY B 67 -0.23 -12.88 17.12
CA GLY B 67 0.14 -12.61 18.49
C GLY B 67 -0.65 -13.51 19.41
N ALA B 68 -1.58 -12.91 20.16
CA ALA B 68 -2.41 -13.67 21.09
C ALA B 68 -3.79 -13.89 20.47
N LYS B 69 -4.37 -12.82 19.94
CA LYS B 69 -5.69 -12.90 19.33
C LYS B 69 -5.71 -13.88 18.15
N VAL B 70 -6.61 -14.83 18.24
CA VAL B 70 -6.81 -15.75 17.14
C VAL B 70 -7.73 -15.17 16.08
N LEU B 71 -7.18 -14.86 14.93
CA LEU B 71 -7.94 -14.22 13.88
C LEU B 71 -9.11 -15.07 13.40
N ALA B 72 -8.86 -16.35 13.20
CA ALA B 72 -9.93 -17.25 12.75
C ALA B 72 -9.49 -18.70 12.62
N THR B 73 -10.47 -19.59 12.72
CA THR B 73 -10.23 -21.02 12.59
C THR B 73 -11.02 -21.47 11.37
N LEU B 74 -10.44 -22.34 10.56
CA LEU B 74 -11.10 -22.75 9.33
C LEU B 74 -11.10 -24.25 9.03
N CYS B 75 -12.18 -24.69 8.37
CA CYS B 75 -12.34 -26.07 7.95
C CYS B 75 -13.56 -26.21 7.05
N GLY B 76 -13.69 -27.39 6.44
CA GLY B 76 -14.81 -27.64 5.55
C GLY B 76 -14.52 -27.08 4.17
N GLN B 77 -15.56 -26.96 3.37
CA GLN B 77 -15.45 -26.39 2.03
C GLN B 77 -16.31 -25.14 2.02
N GLU B 78 -17.37 -25.16 2.82
CA GLU B 78 -18.28 -24.03 2.94
C GLU B 78 -18.42 -23.62 4.40
N SER B 79 -19.07 -22.49 4.64
CA SER B 79 -19.28 -22.00 6.00
C SER B 79 -20.69 -22.31 6.49
N THR B 80 -20.80 -22.61 7.77
CA THR B 80 -22.07 -22.92 8.42
C THR B 80 -22.11 -22.03 9.65
N ASP B 81 -22.88 -22.44 10.66
CA ASP B 81 -22.94 -21.70 11.90
C ASP B 81 -21.80 -22.38 12.68
N THR B 82 -20.99 -21.57 13.36
CA THR B 82 -19.82 -22.01 14.15
C THR B 82 -18.76 -22.79 13.37
N GLU B 83 -18.81 -22.69 12.05
CA GLU B 83 -17.82 -23.30 11.16
C GLU B 83 -17.54 -22.36 10.00
N ARG B 84 -16.45 -21.60 10.12
CA ARG B 84 -16.08 -20.63 9.09
C ARG B 84 -15.17 -21.18 7.98
N ALA B 85 -15.50 -20.82 6.74
CA ALA B 85 -14.74 -21.19 5.55
C ALA B 85 -14.20 -19.89 4.96
N PRO B 86 -12.91 -19.88 4.59
CA PRO B 86 -12.23 -18.71 4.01
C PRO B 86 -12.98 -17.96 2.93
N GLY B 87 -13.32 -18.68 1.88
CA GLY B 87 -13.98 -18.06 0.76
C GLY B 87 -12.88 -17.20 0.13
N LYS B 88 -13.22 -16.01 -0.33
CA LYS B 88 -12.24 -15.12 -0.93
C LYS B 88 -11.85 -14.01 0.03
N ASP B 89 -12.42 -14.04 1.24
CA ASP B 89 -12.13 -13.01 2.23
C ASP B 89 -10.62 -12.83 2.45
N THR B 90 -10.24 -11.66 2.96
CA THR B 90 -8.84 -11.34 3.20
C THR B 90 -8.53 -11.30 4.69
N PHE B 91 -7.33 -11.72 5.06
CA PHE B 91 -6.90 -11.71 6.44
C PHE B 91 -5.66 -10.86 6.64
N TYR B 92 -5.62 -10.11 7.73
CA TYR B 92 -4.48 -9.25 8.03
C TYR B 92 -3.92 -9.50 9.41
N SER B 93 -2.61 -9.32 9.52
CA SER B 93 -1.92 -9.52 10.77
C SER B 93 -2.08 -8.28 11.61
N LEU B 94 -2.49 -8.45 12.87
CA LEU B 94 -2.61 -7.32 13.80
C LEU B 94 -1.14 -7.02 14.04
N GLY B 95 -0.64 -5.98 13.41
CA GLY B 95 0.77 -5.69 13.61
C GLY B 95 1.60 -6.37 12.52
N SER B 96 2.86 -6.64 12.84
CA SER B 96 3.77 -7.22 11.88
C SER B 96 3.97 -8.73 12.02
N SER B 97 3.13 -9.39 12.81
CA SER B 97 3.29 -10.82 13.01
C SER B 97 2.08 -11.67 12.64
N LEU B 98 2.35 -12.83 12.02
CA LEU B 98 1.29 -13.75 11.62
C LEU B 98 1.82 -15.18 11.48
N ASP B 99 1.24 -16.11 12.23
CA ASP B 99 1.66 -17.51 12.12
C ASP B 99 0.46 -18.38 11.83
N ILE B 100 0.71 -19.42 11.04
CA ILE B 100 -0.34 -20.34 10.62
C ILE B 100 -0.05 -21.74 11.12
N THR B 101 -1.12 -22.50 11.36
CA THR B 101 -1.01 -23.86 11.83
C THR B 101 -2.02 -24.75 11.10
N PHE B 102 -1.54 -25.86 10.54
CA PHE B 102 -2.40 -26.81 9.84
C PHE B 102 -2.30 -28.16 10.56
N ARG B 103 -3.40 -28.61 11.16
CA ARG B 103 -3.41 -29.88 11.89
C ARG B 103 -4.45 -30.85 11.32
N SER B 104 -3.99 -32.07 11.04
CA SER B 104 -4.86 -33.13 10.51
C SER B 104 -4.90 -34.28 11.53
N ASP B 105 -6.09 -34.81 11.78
CA ASP B 105 -6.21 -35.91 12.75
C ASP B 105 -5.99 -37.28 12.10
N TYR B 106 -6.23 -38.32 12.88
CA TYR B 106 -6.06 -39.71 12.45
C TYR B 106 -6.52 -40.09 11.05
N SER B 107 -7.72 -39.68 10.66
CA SER B 107 -8.21 -40.06 9.34
C SER B 107 -9.18 -39.09 8.66
N ASN B 108 -9.54 -39.41 7.41
CA ASN B 108 -10.47 -38.62 6.60
C ASN B 108 -11.45 -39.54 5.86
N GLU B 109 -12.73 -39.19 5.86
CA GLU B 109 -13.74 -39.97 5.15
C GLU B 109 -13.45 -39.82 3.65
N LYS B 110 -13.68 -38.61 3.14
CA LYS B 110 -13.46 -38.27 1.74
C LYS B 110 -12.02 -37.79 1.54
N PRO B 111 -11.50 -37.88 0.30
CA PRO B 111 -10.14 -37.43 -0.03
C PRO B 111 -10.04 -35.91 -0.14
N PHE B 112 -9.84 -35.24 0.98
CA PHE B 112 -9.76 -33.78 0.97
C PHE B 112 -8.42 -33.31 0.44
N THR B 113 -8.47 -32.36 -0.49
CA THR B 113 -7.29 -31.82 -1.14
C THR B 113 -6.47 -30.78 -0.38
N GLY B 114 -6.95 -30.37 0.79
CA GLY B 114 -6.21 -29.39 1.58
C GLY B 114 -6.43 -27.93 1.23
N PHE B 115 -5.35 -27.15 1.28
CA PHE B 115 -5.44 -25.73 1.00
C PHE B 115 -4.14 -25.15 0.43
N GLU B 116 -4.28 -23.96 -0.15
CA GLU B 116 -3.19 -23.18 -0.71
C GLU B 116 -3.45 -21.74 -0.29
N ALA B 117 -2.42 -21.06 0.18
CA ALA B 117 -2.59 -19.69 0.59
C ALA B 117 -1.43 -18.84 0.11
N PHE B 118 -1.68 -17.54 0.03
CA PHE B 118 -0.66 -16.60 -0.38
C PHE B 118 -0.69 -15.42 0.58
N TYR B 119 0.47 -14.83 0.81
CA TYR B 119 0.55 -13.70 1.71
C TYR B 119 1.54 -12.70 1.15
N ALA B 120 1.39 -11.45 1.57
CA ALA B 120 2.28 -10.40 1.13
C ALA B 120 2.28 -9.31 2.18
N ALA B 121 3.43 -8.68 2.34
CA ALA B 121 3.56 -7.60 3.29
C ALA B 121 3.07 -6.35 2.58
N GLU B 122 2.55 -5.41 3.35
CA GLU B 122 2.06 -4.17 2.80
C GLU B 122 2.21 -3.08 3.84
N ASP B 123 2.60 -1.88 3.39
CA ASP B 123 2.81 -0.78 4.31
C ASP B 123 1.52 -0.41 4.98
N ILE B 124 1.65 -0.05 6.25
CA ILE B 124 0.51 0.38 7.05
C ILE B 124 0.41 1.88 6.92
N ASP B 125 -0.82 2.37 6.87
CA ASP B 125 -1.06 3.79 6.80
C ASP B 125 -1.47 4.22 8.20
N GLU B 126 -0.49 4.43 9.06
CA GLU B 126 -0.77 4.83 10.44
C GLU B 126 -1.48 6.18 10.46
N CYS B 127 -1.53 6.84 9.31
CA CYS B 127 -2.22 8.12 9.24
C CYS B 127 -3.70 7.81 9.26
N GLN B 128 -4.01 6.55 8.99
CA GLN B 128 -5.38 6.06 8.95
C GLN B 128 -5.83 5.68 10.36
N VAL B 129 -6.99 6.17 10.79
CA VAL B 129 -7.48 5.79 12.12
C VAL B 129 -8.98 5.57 12.15
N ALA B 130 -9.39 4.67 13.04
CA ALA B 130 -10.81 4.34 13.23
C ALA B 130 -11.54 5.54 13.79
N PRO B 131 -12.63 5.98 13.12
CA PRO B 131 -13.46 7.12 13.51
C PRO B 131 -13.59 7.27 15.02
N GLY B 132 -13.78 8.50 15.49
CA GLY B 132 -13.88 8.73 16.92
C GLY B 132 -12.52 8.98 17.54
N GLU B 133 -11.55 8.11 17.20
CA GLU B 133 -10.20 8.25 17.74
C GLU B 133 -9.58 9.55 17.23
N ALA B 134 -8.75 10.16 18.06
CA ALA B 134 -8.08 11.40 17.70
C ALA B 134 -7.10 11.16 16.55
N PRO B 135 -6.79 12.22 15.78
CA PRO B 135 -5.87 12.14 14.66
C PRO B 135 -4.47 11.77 15.14
N THR B 136 -3.72 11.05 14.32
CA THR B 136 -2.38 10.67 14.73
C THR B 136 -1.57 11.96 14.81
N CYS B 137 -1.91 12.94 13.97
CA CYS B 137 -1.20 14.21 13.98
C CYS B 137 -2.12 15.40 14.26
N ASP B 138 -1.57 16.45 14.87
CA ASP B 138 -2.34 17.64 15.20
C ASP B 138 -2.71 18.38 13.92
N HIS B 139 -1.74 18.58 13.05
CA HIS B 139 -1.95 19.28 11.79
C HIS B 139 -1.85 18.35 10.55
N HIS B 140 -0.62 18.03 10.11
CA HIS B 140 -0.41 17.19 8.93
C HIS B 140 0.18 15.79 9.16
N CYS B 141 -0.39 14.81 8.46
CA CYS B 141 0.07 13.42 8.56
C CYS B 141 0.65 12.91 7.25
N HIS B 142 1.90 12.47 7.29
CA HIS B 142 2.56 11.95 6.10
C HIS B 142 2.90 10.49 6.24
N ASN B 143 2.25 9.67 5.42
CA ASN B 143 2.52 8.24 5.42
C ASN B 143 3.43 7.90 4.25
N HIS B 144 4.34 6.97 4.52
CA HIS B 144 5.28 6.49 3.51
C HIS B 144 5.54 5.03 3.86
N LEU B 145 6.28 4.35 3.00
CA LEU B 145 6.61 2.95 3.20
C LEU B 145 7.45 2.72 4.46
N GLY B 146 6.96 1.92 5.39
CA GLY B 146 7.73 1.63 6.59
C GLY B 146 7.59 2.58 7.76
N GLY B 147 6.89 3.70 7.56
CA GLY B 147 6.74 4.60 8.68
C GLY B 147 5.83 5.76 8.36
N PHE B 148 6.01 6.84 9.12
CA PHE B 148 5.21 8.03 8.97
C PHE B 148 5.82 9.12 9.84
N TYR B 149 5.32 10.34 9.67
CA TYR B 149 5.75 11.48 10.48
C TYR B 149 4.76 12.60 10.30
N CYS B 150 4.74 13.52 11.26
CA CYS B 150 3.83 14.66 11.21
C CYS B 150 4.55 15.94 10.79
N SER B 151 3.77 16.94 10.36
CA SER B 151 4.30 18.26 9.99
C SER B 151 3.27 19.30 10.41
N CYS B 152 3.68 20.56 10.42
CA CYS B 152 2.78 21.63 10.85
C CYS B 152 2.51 22.67 9.78
N ARG B 153 1.43 23.42 9.96
CA ARG B 153 1.08 24.46 9.03
C ARG B 153 2.15 25.52 9.08
N ALA B 154 2.20 26.36 8.05
CA ALA B 154 3.20 27.41 8.04
C ALA B 154 2.90 28.30 9.22
N GLY B 155 3.93 28.74 9.93
CA GLY B 155 3.72 29.59 11.08
C GLY B 155 3.81 28.81 12.37
N TYR B 156 3.45 27.53 12.31
CA TYR B 156 3.51 26.70 13.48
C TYR B 156 4.75 25.82 13.44
N VAL B 157 5.09 25.27 14.59
CA VAL B 157 6.23 24.40 14.72
C VAL B 157 5.79 23.15 15.47
N LEU B 158 6.41 22.04 15.14
CA LEU B 158 6.10 20.76 15.74
C LEU B 158 6.68 20.68 17.16
N HIS B 159 5.88 20.21 18.12
CA HIS B 159 6.34 20.07 19.50
C HIS B 159 7.29 18.85 19.60
N ARG B 160 8.06 18.77 20.68
CA ARG B 160 8.98 17.64 20.87
C ARG B 160 8.32 16.28 20.63
N ASN B 161 7.00 16.19 20.83
CA ASN B 161 6.32 14.91 20.64
C ASN B 161 6.08 14.48 19.18
N LYS B 162 6.54 15.29 18.21
CA LYS B 162 6.40 14.95 16.79
C LYS B 162 4.94 14.83 16.30
N ARG B 163 3.99 15.44 17.01
CA ARG B 163 2.58 15.39 16.63
C ARG B 163 1.83 16.72 16.79
N THR B 164 1.84 17.26 18.00
CA THR B 164 1.16 18.52 18.30
C THR B 164 1.89 19.71 17.69
N CYS B 165 1.11 20.69 17.23
CA CYS B 165 1.67 21.91 16.62
C CYS B 165 1.39 23.17 17.45
N SER B 166 2.30 24.15 17.35
CA SER B 166 2.14 25.39 18.13
C SER B 166 2.89 26.60 17.54
N GLU B 167 2.17 28.03 17.58
CA GLU B 167 2.76 29.26 17.06
C GLU B 167 4.23 29.36 17.45
N GLN B 168 5.13 29.69 16.46
CA GLN B 168 6.56 29.97 16.66
C GLN B 168 7.41 28.76 16.30
#